data_6DX2
#
_entry.id   6DX2
#
_cell.length_a   68.417
_cell.length_b   68.417
_cell.length_c   69.769
_cell.angle_alpha   90.00
_cell.angle_beta   90.00
_cell.angle_gamma   90.00
#
_symmetry.space_group_name_H-M   'P 41'
#
loop_
_entity.id
_entity.type
_entity.pdbx_description
1 polymer 'RNA-dependent RNA polymerase'
2 water water
#
_entity_poly.entity_id   1
_entity_poly.type   'polypeptide(L)'
_entity_poly.pdbx_seq_one_letter_code
;MSSFHLDDINWQPNIEGVYNSEQRFNLNDYFTSEKVPGDGNCFFYSVSFLLFESLSEWRSIKNTIASFAAANWGQCVQAK
LNYANSSDYRADMLRNYYWGGSVEAEILSKALNITIILWEADVSENVVTATKYGPGLVSTALNLKLCQGHIEPLQLMKLV
DQDVLRKSGSHHHHHH
;
_entity_poly.pdbx_strand_id   A,B
#
# COMPACT_ATOMS: atom_id res chain seq x y z
N SER A 3 8.47 15.48 -8.25
CA SER A 3 7.75 16.68 -7.77
C SER A 3 8.20 17.05 -6.36
N PHE A 4 7.27 17.55 -5.56
CA PHE A 4 7.57 17.81 -4.16
C PHE A 4 7.17 16.64 -3.28
N HIS A 5 6.05 16.00 -3.58
CA HIS A 5 5.62 14.80 -2.87
C HIS A 5 5.28 13.72 -3.89
N LEU A 6 5.87 12.55 -3.68
CA LEU A 6 5.63 11.43 -4.58
C LEU A 6 4.14 11.11 -4.70
N ASP A 7 3.38 11.25 -3.59
CA ASP A 7 1.95 10.94 -3.65
C ASP A 7 1.14 11.98 -4.44
N ASP A 8 1.77 13.08 -4.89
CA ASP A 8 1.11 14.09 -5.72
C ASP A 8 1.50 14.00 -7.17
N ILE A 9 2.19 12.93 -7.59
CA ILE A 9 2.54 12.74 -8.99
C ILE A 9 1.26 12.59 -9.79
N ASN A 10 1.32 13.05 -11.05
CA ASN A 10 0.23 12.91 -12.02
C ASN A 10 0.42 11.64 -12.86
N TRP A 11 -0.50 10.70 -12.69
CA TRP A 11 -0.42 9.40 -13.35
C TRP A 11 -1.43 9.36 -14.48
N GLN A 12 -1.03 8.86 -15.63
CA GLN A 12 -1.97 8.86 -16.75
C GLN A 12 -2.39 7.43 -17.02
N PRO A 13 -3.66 7.07 -16.90
CA PRO A 13 -4.03 5.67 -17.05
C PRO A 13 -4.28 5.37 -18.52
N ASN A 14 -3.95 4.16 -18.92
CA ASN A 14 -4.54 3.66 -20.15
C ASN A 14 -5.80 2.86 -19.82
N ILE A 15 -6.51 2.40 -20.84
CA ILE A 15 -7.76 1.70 -20.58
C ILE A 15 -7.51 0.33 -19.95
N GLU A 16 -6.28 -0.19 -20.04
CA GLU A 16 -5.93 -1.44 -19.39
C GLU A 16 -5.73 -1.29 -17.88
N GLY A 17 -5.82 -0.07 -17.35
CA GLY A 17 -5.57 0.14 -15.94
C GLY A 17 -4.13 0.30 -15.57
N VAL A 18 -3.22 0.47 -16.53
CA VAL A 18 -1.82 0.71 -16.26
C VAL A 18 -1.57 2.21 -16.36
N TYR A 19 -0.90 2.77 -15.38
CA TYR A 19 -0.62 4.19 -15.39
C TYR A 19 0.82 4.47 -15.77
N ASN A 20 1.00 5.58 -16.45
CA ASN A 20 2.32 6.03 -16.78
C ASN A 20 2.57 7.45 -16.29
N SER A 21 3.84 7.71 -15.99
CA SER A 21 4.17 9.05 -15.55
C SER A 21 5.45 9.48 -16.26
N GLU A 22 5.41 10.73 -16.73
CA GLU A 22 6.50 11.38 -17.44
C GLU A 22 7.38 12.20 -16.52
N GLN A 23 6.94 12.48 -15.30
CA GLN A 23 7.77 13.09 -14.27
C GLN A 23 9.19 12.56 -14.32
N ARG A 24 10.17 13.45 -14.29
CA ARG A 24 11.55 13.00 -14.29
C ARG A 24 12.30 13.69 -13.16
N PHE A 25 12.82 12.87 -12.23
CA PHE A 25 13.50 13.35 -11.03
C PHE A 25 14.52 12.27 -10.67
N ASN A 26 15.31 12.54 -9.65
CA ASN A 26 16.25 11.54 -9.16
C ASN A 26 15.63 10.71 -8.04
N LEU A 27 15.56 9.40 -8.27
CA LEU A 27 15.00 8.47 -7.30
C LEU A 27 15.56 8.68 -5.90
N ASN A 28 16.85 8.92 -5.81
CA ASN A 28 17.42 8.87 -4.49
C ASN A 28 17.23 10.16 -3.70
N ASP A 29 16.53 11.14 -4.27
CA ASP A 29 16.07 12.24 -3.46
C ASP A 29 14.84 11.90 -2.67
N TYR A 30 14.17 10.82 -3.00
CA TYR A 30 12.90 10.48 -2.37
C TYR A 30 12.88 9.09 -1.80
N PHE A 31 13.71 8.20 -2.31
CA PHE A 31 13.73 6.80 -1.90
C PHE A 31 15.08 6.43 -1.36
N THR A 32 15.06 5.51 -0.40
CA THR A 32 16.22 4.74 -0.07
C THR A 32 16.23 3.50 -0.95
N SER A 33 17.36 3.18 -1.52
CA SER A 33 17.46 1.90 -2.21
C SER A 33 17.91 0.83 -1.25
N GLU A 34 17.52 -0.40 -1.56
CA GLU A 34 18.01 -1.56 -0.85
C GLU A 34 18.63 -2.56 -1.84
N LYS A 35 19.74 -3.16 -1.43
CA LYS A 35 20.48 -4.11 -2.26
C LYS A 35 19.87 -5.52 -2.16
N VAL A 36 19.59 -6.16 -3.30
CA VAL A 36 19.26 -7.58 -3.28
C VAL A 36 20.21 -8.30 -4.24
N PRO A 37 20.39 -9.59 -4.06
CA PRO A 37 21.36 -10.32 -4.91
C PRO A 37 20.99 -10.22 -6.38
N GLY A 38 22.01 -10.02 -7.22
CA GLY A 38 21.75 -9.68 -8.61
C GLY A 38 21.52 -10.82 -9.59
N ASP A 39 20.96 -11.92 -9.16
CA ASP A 39 20.66 -12.97 -10.12
C ASP A 39 19.26 -12.74 -10.71
N GLY A 40 18.85 -13.71 -11.53
CA GLY A 40 17.60 -13.59 -12.29
C GLY A 40 16.33 -13.64 -11.46
N ASN A 41 16.43 -13.97 -10.19
CA ASN A 41 15.30 -13.92 -9.28
C ASN A 41 15.06 -12.54 -8.65
N CYS A 42 15.85 -11.51 -9.02
CA CYS A 42 15.87 -10.24 -8.30
C CYS A 42 14.49 -9.54 -8.24
N PHE A 43 13.62 -9.71 -9.25
CA PHE A 43 12.30 -9.10 -9.17
C PHE A 43 11.57 -9.68 -7.97
N PHE A 44 11.71 -10.99 -7.78
CA PHE A 44 11.01 -11.70 -6.72
C PHE A 44 11.68 -11.48 -5.38
N TYR A 45 13.02 -11.38 -5.36
CA TYR A 45 13.70 -10.96 -4.12
C TYR A 45 13.20 -9.60 -3.69
N SER A 46 13.04 -8.70 -4.67
CA SER A 46 12.71 -7.32 -4.35
C SER A 46 11.31 -7.22 -3.78
N VAL A 47 10.35 -7.89 -4.43
CA VAL A 47 8.97 -7.89 -3.92
C VAL A 47 8.93 -8.54 -2.55
N SER A 48 9.66 -9.66 -2.37
CA SER A 48 9.67 -10.30 -1.06
C SER A 48 10.25 -9.34 -0.01
N PHE A 49 11.33 -8.63 -0.35
CA PHE A 49 11.90 -7.70 0.62
C PHE A 49 10.88 -6.68 1.08
N LEU A 50 10.13 -6.13 0.12
CA LEU A 50 9.17 -5.07 0.44
C LEU A 50 7.97 -5.60 1.20
N LEU A 51 7.56 -6.84 0.96
CA LEU A 51 6.39 -7.36 1.70
C LEU A 51 6.75 -7.93 3.06
N PHE A 52 7.93 -8.55 3.20
CA PHE A 52 8.28 -9.31 4.40
C PHE A 52 9.54 -8.85 5.10
N GLU A 53 10.30 -7.89 4.55
CA GLU A 53 11.61 -7.50 5.07
C GLU A 53 12.55 -8.68 5.10
N SER A 54 12.38 -9.58 4.14
CA SER A 54 13.18 -10.78 4.05
C SER A 54 13.08 -11.24 2.60
N LEU A 55 14.10 -11.99 2.16
CA LEU A 55 14.12 -12.53 0.81
C LEU A 55 13.51 -13.91 0.74
N SER A 56 13.21 -14.51 1.89
CA SER A 56 12.94 -15.95 1.90
C SER A 56 11.60 -16.32 1.30
N GLU A 57 10.71 -15.35 1.08
CA GLU A 57 9.37 -15.57 0.54
C GLU A 57 9.30 -15.44 -0.99
N TRP A 58 10.45 -15.35 -1.65
CA TRP A 58 10.45 -15.03 -3.07
C TRP A 58 9.79 -16.11 -3.91
N ARG A 59 10.00 -17.39 -3.55
CA ARG A 59 9.34 -18.45 -4.30
C ARG A 59 7.83 -18.48 -4.06
N SER A 60 7.38 -18.19 -2.84
CA SER A 60 5.94 -18.23 -2.61
C SER A 60 5.23 -17.09 -3.33
N ILE A 61 5.93 -15.98 -3.58
CA ILE A 61 5.34 -14.92 -4.39
C ILE A 61 5.08 -15.42 -5.81
N LYS A 62 6.04 -16.17 -6.37
CA LYS A 62 5.82 -16.82 -7.65
C LYS A 62 4.60 -17.72 -7.62
N ASN A 63 4.40 -18.46 -6.52
CA ASN A 63 3.25 -19.36 -6.46
C ASN A 63 1.94 -18.60 -6.47
N THR A 64 1.94 -17.43 -5.81
CA THR A 64 0.77 -16.57 -5.81
C THR A 64 0.49 -16.05 -7.22
N ILE A 65 1.54 -15.66 -7.94
CA ILE A 65 1.37 -15.22 -9.32
C ILE A 65 0.82 -16.37 -10.16
N ALA A 66 1.33 -17.56 -9.94
CA ALA A 66 0.90 -18.68 -10.74
C ALA A 66 -0.57 -18.98 -10.48
N SER A 67 -1.03 -18.84 -9.22
CA SER A 67 -2.43 -19.13 -8.93
C SER A 67 -3.32 -18.12 -9.62
N PHE A 68 -2.90 -16.85 -9.62
CA PHE A 68 -3.69 -15.84 -10.33
C PHE A 68 -3.74 -16.16 -11.82
N ALA A 69 -2.60 -16.51 -12.42
CA ALA A 69 -2.56 -16.81 -13.86
C ALA A 69 -3.44 -18.00 -14.22
N ALA A 70 -3.53 -18.99 -13.33
CA ALA A 70 -4.35 -20.16 -13.57
C ALA A 70 -5.85 -19.84 -13.50
N ALA A 71 -6.24 -19.00 -12.53
CA ALA A 71 -7.65 -18.74 -12.30
C ALA A 71 -8.17 -17.56 -13.12
N ASN A 72 -7.30 -16.65 -13.51
CA ASN A 72 -7.70 -15.36 -14.05
C ASN A 72 -6.84 -14.99 -15.25
N TRP A 73 -6.65 -15.94 -16.16
CA TRP A 73 -5.73 -15.71 -17.27
C TRP A 73 -6.15 -14.50 -18.11
N GLY A 74 -7.46 -14.31 -18.31
CA GLY A 74 -7.93 -13.18 -19.10
C GLY A 74 -7.55 -11.82 -18.55
N GLN A 75 -7.27 -11.70 -17.24
CA GLN A 75 -6.76 -10.47 -16.65
C GLN A 75 -5.25 -10.34 -16.74
N CYS A 76 -4.54 -11.35 -17.22
CA CYS A 76 -3.08 -11.29 -17.35
C CYS A 76 -2.73 -10.72 -18.72
N VAL A 77 -3.04 -9.43 -18.90
CA VAL A 77 -3.04 -8.85 -20.25
C VAL A 77 -1.65 -8.98 -20.88
N GLN A 78 -0.61 -8.58 -20.14
CA GLN A 78 0.72 -8.57 -20.74
C GLN A 78 1.22 -9.99 -20.94
N ALA A 79 0.93 -10.89 -19.98
CA ALA A 79 1.34 -12.27 -20.13
C ALA A 79 0.77 -12.90 -21.40
N LYS A 80 -0.49 -12.58 -21.72
CA LYS A 80 -1.15 -13.07 -22.95
C LYS A 80 -0.47 -12.63 -24.23
N LEU A 81 0.31 -11.55 -24.20
CA LEU A 81 1.05 -11.15 -25.40
C LEU A 81 2.27 -12.02 -25.63
N ASN A 82 2.83 -12.57 -24.56
CA ASN A 82 4.07 -13.32 -24.59
C ASN A 82 3.87 -14.83 -24.53
N TYR A 83 2.68 -15.31 -24.18
CA TYR A 83 2.48 -16.74 -23.96
C TYR A 83 1.15 -17.15 -24.53
N ALA A 84 1.08 -18.37 -25.08
CA ALA A 84 -0.14 -18.88 -25.70
C ALA A 84 -1.23 -19.21 -24.70
N ASN A 85 -0.87 -19.64 -23.49
CA ASN A 85 -1.86 -20.01 -22.51
C ASN A 85 -1.24 -19.90 -21.14
N SER A 86 -2.10 -19.99 -20.12
CA SER A 86 -1.60 -19.86 -18.74
C SER A 86 -0.66 -21.00 -18.39
N SER A 87 -0.87 -22.17 -18.96
CA SER A 87 -0.01 -23.30 -18.62
C SER A 87 1.43 -23.07 -19.07
N ASP A 88 1.61 -22.60 -20.30
CA ASP A 88 2.94 -22.21 -20.77
C ASP A 88 3.56 -21.12 -19.90
N TYR A 89 2.77 -20.09 -19.56
CA TYR A 89 3.29 -19.01 -18.75
C TYR A 89 3.78 -19.54 -17.40
N ARG A 90 2.94 -20.34 -16.74
CA ARG A 90 3.30 -20.74 -15.38
C ARG A 90 4.55 -21.61 -15.38
N ALA A 91 4.69 -22.48 -16.40
CA ALA A 91 5.85 -23.37 -16.44
C ALA A 91 7.14 -22.58 -16.63
N ASP A 92 7.10 -21.53 -17.44
CA ASP A 92 8.28 -20.69 -17.63
C ASP A 92 8.57 -19.84 -16.40
N MET A 93 7.57 -19.12 -15.90
CA MET A 93 7.77 -18.19 -14.79
C MET A 93 8.26 -18.92 -13.54
N LEU A 94 7.82 -20.14 -13.34
CA LEU A 94 8.17 -20.83 -12.10
C LEU A 94 9.61 -21.32 -12.07
N ARG A 95 10.30 -21.24 -13.20
CA ARG A 95 11.65 -21.76 -13.24
C ARG A 95 12.60 -20.78 -12.56
N ASN A 96 13.67 -21.32 -11.95
CA ASN A 96 14.67 -20.43 -11.37
C ASN A 96 15.27 -19.54 -12.45
N TYR A 97 15.60 -18.30 -12.04
CA TYR A 97 16.24 -17.29 -12.87
C TYR A 97 15.35 -16.82 -14.00
N TYR A 98 14.03 -17.02 -13.89
CA TYR A 98 13.12 -16.35 -14.81
C TYR A 98 13.11 -14.87 -14.45
N TRP A 99 13.34 -14.01 -15.42
CA TRP A 99 13.46 -12.58 -15.09
C TRP A 99 12.09 -11.94 -15.03
N GLY A 100 11.72 -11.44 -13.84
CA GLY A 100 10.46 -10.77 -13.66
C GLY A 100 10.45 -9.34 -14.17
N GLY A 101 9.26 -8.91 -14.53
CA GLY A 101 9.11 -7.56 -15.02
C GLY A 101 7.67 -7.17 -15.02
N SER A 102 7.29 -6.39 -16.03
CA SER A 102 5.94 -5.79 -16.06
C SER A 102 4.85 -6.86 -16.09
N VAL A 103 5.10 -8.00 -16.75
CA VAL A 103 4.09 -9.07 -16.78
C VAL A 103 3.74 -9.51 -15.36
N GLU A 104 4.78 -9.72 -14.53
CA GLU A 104 4.60 -10.11 -13.14
C GLU A 104 4.13 -8.94 -12.27
N ALA A 105 4.55 -7.71 -12.56
CA ALA A 105 4.04 -6.59 -11.78
C ALA A 105 2.53 -6.46 -11.96
N GLU A 106 2.08 -6.59 -13.20
CA GLU A 106 0.63 -6.51 -13.46
C GLU A 106 -0.11 -7.60 -12.70
N ILE A 107 0.39 -8.83 -12.77
CA ILE A 107 -0.30 -9.95 -12.11
C ILE A 107 -0.27 -9.80 -10.60
N LEU A 108 0.92 -9.52 -10.05
CA LEU A 108 1.01 -9.44 -8.59
C LEU A 108 0.15 -8.32 -8.03
N SER A 109 0.09 -7.18 -8.70
CA SER A 109 -0.77 -6.10 -8.21
C SER A 109 -2.22 -6.56 -8.08
N LYS A 110 -2.71 -7.30 -9.08
CA LYS A 110 -4.05 -7.85 -8.96
C LYS A 110 -4.10 -8.98 -7.93
N ALA A 111 -3.08 -9.85 -7.89
CA ALA A 111 -3.22 -11.04 -7.07
C ALA A 111 -3.22 -10.71 -5.59
N LEU A 112 -2.49 -9.65 -5.20
CA LEU A 112 -2.37 -9.28 -3.80
C LEU A 112 -3.10 -8.00 -3.46
N ASN A 113 -3.78 -7.37 -4.43
CA ASN A 113 -4.48 -6.11 -4.14
C ASN A 113 -3.51 -5.09 -3.59
N ILE A 114 -2.40 -4.96 -4.30
CA ILE A 114 -1.40 -3.98 -3.97
C ILE A 114 -1.09 -3.23 -5.24
N THR A 115 -0.37 -2.14 -5.08
CA THR A 115 0.07 -1.34 -6.20
C THR A 115 1.56 -1.54 -6.33
N ILE A 116 2.04 -1.69 -7.57
CA ILE A 116 3.45 -1.90 -7.84
C ILE A 116 3.87 -0.89 -8.87
N ILE A 117 5.00 -0.22 -8.63
CA ILE A 117 5.48 0.81 -9.56
C ILE A 117 6.86 0.40 -10.04
N LEU A 118 7.05 0.38 -11.35
CA LEU A 118 8.34 0.09 -11.94
C LEU A 118 8.94 1.42 -12.34
N TRP A 119 10.01 1.83 -11.63
CA TRP A 119 10.69 3.08 -11.95
C TRP A 119 11.90 2.70 -12.79
N GLU A 120 11.82 2.95 -14.09
CA GLU A 120 12.96 2.72 -14.96
C GLU A 120 13.89 3.92 -14.85
N ALA A 121 15.17 3.62 -14.49
CA ALA A 121 16.17 4.59 -14.16
C ALA A 121 17.36 4.42 -15.07
N ASP A 122 18.04 5.55 -15.36
CA ASP A 122 19.36 5.43 -15.97
C ASP A 122 20.44 5.17 -14.90
N VAL A 123 21.69 5.10 -15.36
CA VAL A 123 22.81 4.75 -14.48
C VAL A 123 22.99 5.78 -13.37
N SER A 124 22.54 7.00 -13.59
CA SER A 124 22.62 8.03 -12.57
C SER A 124 21.34 8.09 -11.71
N GLU A 125 20.43 7.11 -11.84
CA GLU A 125 19.22 6.96 -11.01
C GLU A 125 18.15 7.99 -11.35
N ASN A 126 18.23 8.59 -12.52
CA ASN A 126 17.14 9.45 -12.95
C ASN A 126 16.03 8.59 -13.56
N VAL A 127 14.78 8.91 -13.21
CA VAL A 127 13.65 8.23 -13.82
C VAL A 127 13.66 8.46 -15.32
N VAL A 128 13.50 7.38 -16.08
CA VAL A 128 13.31 7.45 -17.53
C VAL A 128 11.87 7.13 -17.89
N THR A 129 11.28 6.14 -17.24
CA THR A 129 9.87 5.83 -17.38
C THR A 129 9.36 5.41 -16.01
N ALA A 130 8.08 5.72 -15.69
CA ALA A 130 7.47 5.12 -14.51
C ALA A 130 6.14 4.51 -14.89
N THR A 131 5.89 3.29 -14.43
CA THR A 131 4.67 2.56 -14.78
C THR A 131 4.07 2.03 -13.51
N LYS A 132 2.79 2.29 -13.29
CA LYS A 132 2.17 1.94 -12.02
C LYS A 132 1.05 0.95 -12.30
N TYR A 133 1.07 -0.16 -11.59
CA TYR A 133 0.09 -1.23 -11.74
C TYR A 133 -0.75 -1.22 -10.46
N GLY A 134 -2.01 -0.84 -10.58
CA GLY A 134 -2.87 -0.73 -9.42
C GLY A 134 -3.24 0.70 -9.11
N PRO A 135 -4.33 0.89 -8.37
CA PRO A 135 -4.90 2.22 -8.19
C PRO A 135 -4.32 3.04 -7.06
N GLY A 136 -3.33 2.52 -6.36
CA GLY A 136 -2.90 3.10 -5.11
C GLY A 136 -1.83 4.15 -5.30
N LEU A 137 -1.35 4.68 -4.19
CA LEU A 137 -0.43 5.80 -4.17
C LEU A 137 1.02 5.34 -4.06
N VAL A 138 1.96 6.20 -4.46
CA VAL A 138 3.38 5.82 -4.36
C VAL A 138 3.76 5.32 -2.96
N SER A 139 3.32 6.03 -1.93
CA SER A 139 3.73 5.68 -0.58
C SER A 139 3.24 4.32 -0.12
N THR A 140 2.18 3.78 -0.74
CA THR A 140 1.71 2.45 -0.36
C THR A 140 2.16 1.39 -1.34
N ALA A 141 2.76 1.78 -2.44
CA ALA A 141 3.12 0.83 -3.46
C ALA A 141 4.38 0.07 -3.08
N LEU A 142 4.58 -1.03 -3.78
CA LEU A 142 5.92 -1.63 -3.89
C LEU A 142 6.62 -0.90 -5.03
N ASN A 143 7.62 -0.12 -4.65
CA ASN A 143 8.39 0.71 -5.57
C ASN A 143 9.62 -0.07 -5.94
N LEU A 144 9.79 -0.33 -7.24
CA LEU A 144 10.93 -1.10 -7.74
C LEU A 144 11.73 -0.24 -8.66
N LYS A 145 13.06 -0.28 -8.50
CA LYS A 145 13.97 0.42 -9.36
C LYS A 145 14.49 -0.55 -10.39
N LEU A 146 14.33 -0.20 -11.66
CA LEU A 146 14.87 -0.99 -12.75
C LEU A 146 16.03 -0.23 -13.32
N CYS A 147 17.22 -0.77 -13.15
CA CYS A 147 18.41 -0.02 -13.54
C CYS A 147 19.44 -1.01 -14.06
N GLN A 148 19.90 -0.78 -15.29
CA GLN A 148 20.96 -1.60 -15.88
C GLN A 148 20.66 -3.09 -15.77
N GLY A 149 19.42 -3.44 -16.04
CA GLY A 149 19.02 -4.82 -16.08
C GLY A 149 18.74 -5.46 -14.75
N HIS A 150 18.90 -4.74 -13.64
CA HIS A 150 18.61 -5.33 -12.34
C HIS A 150 17.48 -4.58 -11.67
N ILE A 151 16.80 -5.28 -10.78
CA ILE A 151 15.70 -4.72 -10.03
C ILE A 151 16.14 -4.68 -8.58
N GLU A 152 15.89 -3.53 -7.95
CA GLU A 152 16.12 -3.36 -6.53
C GLU A 152 14.88 -2.76 -5.88
N PRO A 153 14.59 -3.14 -4.64
CA PRO A 153 13.50 -2.47 -3.91
C PRO A 153 13.86 -1.03 -3.54
N LEU A 154 12.86 -0.15 -3.51
CA LEU A 154 12.97 1.21 -2.99
C LEU A 154 12.07 1.35 -1.78
N GLN A 155 12.46 2.18 -0.80
CA GLN A 155 11.53 2.58 0.25
C GLN A 155 11.54 4.09 0.40
N LEU A 156 10.39 4.66 0.73
CA LEU A 156 10.31 6.11 0.92
C LEU A 156 11.22 6.53 2.05
N MET A 157 11.93 7.62 1.82
CA MET A 157 12.95 8.07 2.76
C MET A 157 12.34 8.63 4.02
N LYS A 158 13.14 8.58 5.08
CA LYS A 158 12.81 9.00 6.45
C LYS A 158 11.84 8.00 7.05
N SER B 3 2.24 -12.49 14.21
CA SER B 3 2.79 -13.76 13.73
C SER B 3 4.30 -13.69 13.59
N PHE B 4 4.83 -14.42 12.61
CA PHE B 4 6.23 -14.25 12.25
C PHE B 4 6.40 -13.15 11.22
N HIS B 5 5.52 -13.08 10.23
CA HIS B 5 5.51 -11.98 9.26
C HIS B 5 4.13 -11.35 9.26
N LEU B 6 4.09 -10.01 9.32
CA LEU B 6 2.81 -9.31 9.37
C LEU B 6 1.95 -9.62 8.15
N ASP B 7 2.57 -9.79 6.96
CA ASP B 7 1.76 -10.04 5.77
C ASP B 7 1.16 -11.46 5.74
N ASP B 8 1.43 -12.29 6.73
CA ASP B 8 0.86 -13.63 6.88
C ASP B 8 -0.21 -13.70 7.96
N ILE B 9 -0.63 -12.55 8.50
CA ILE B 9 -1.72 -12.52 9.47
C ILE B 9 -2.99 -13.00 8.80
N ASN B 10 -3.83 -13.67 9.60
CA ASN B 10 -5.16 -14.15 9.16
C ASN B 10 -6.23 -13.10 9.47
N TRP B 11 -6.79 -12.52 8.42
CA TRP B 11 -7.80 -11.46 8.56
C TRP B 11 -9.16 -12.06 8.29
N GLN B 12 -10.13 -11.72 9.12
CA GLN B 12 -11.44 -12.32 8.94
C GLN B 12 -12.37 -11.22 8.46
N PRO B 13 -12.96 -11.33 7.27
CA PRO B 13 -13.76 -10.21 6.79
C PRO B 13 -15.17 -10.35 7.30
N ASN B 14 -15.85 -9.21 7.47
CA ASN B 14 -17.31 -9.24 7.45
C ASN B 14 -17.81 -8.88 6.05
N ILE B 15 -19.13 -8.96 5.87
CA ILE B 15 -19.71 -8.63 4.57
C ILE B 15 -19.55 -7.15 4.22
N GLU B 16 -19.29 -6.29 5.22
CA GLU B 16 -19.03 -4.89 4.93
C GLU B 16 -17.64 -4.66 4.34
N GLY B 17 -16.81 -5.70 4.23
CA GLY B 17 -15.47 -5.51 3.74
C GLY B 17 -14.48 -5.08 4.80
N VAL B 18 -14.86 -5.12 6.08
CA VAL B 18 -13.95 -4.75 7.14
C VAL B 18 -13.41 -6.03 7.77
N TYR B 19 -12.10 -6.08 7.94
CA TYR B 19 -11.47 -7.28 8.42
C TYR B 19 -11.05 -7.11 9.86
N ASN B 20 -11.16 -8.18 10.60
CA ASN B 20 -10.72 -8.13 11.98
C ASN B 20 -9.67 -9.22 12.22
N SER B 21 -8.79 -8.93 13.17
CA SER B 21 -7.81 -9.92 13.53
C SER B 21 -7.64 -9.87 15.03
N GLU B 22 -7.56 -11.05 15.63
CA GLU B 22 -7.27 -11.19 17.05
C GLU B 22 -5.91 -11.82 17.29
N GLN B 23 -5.06 -11.92 16.26
CA GLN B 23 -3.64 -12.14 16.53
C GLN B 23 -3.21 -11.06 17.51
N ARG B 24 -2.56 -11.48 18.59
CA ARG B 24 -2.09 -10.52 19.57
C ARG B 24 -0.60 -10.72 19.79
N PHE B 25 0.14 -9.62 19.62
CA PHE B 25 1.60 -9.58 19.66
C PHE B 25 1.96 -8.18 20.14
N ASN B 26 3.23 -7.93 20.32
CA ASN B 26 3.67 -6.57 20.64
C ASN B 26 4.01 -5.79 19.37
N LEU B 27 3.29 -4.69 19.15
CA LEU B 27 3.50 -3.83 17.99
C LEU B 27 4.96 -3.49 17.76
N ASN B 28 5.68 -3.19 18.83
CA ASN B 28 7.01 -2.67 18.58
C ASN B 28 8.06 -3.74 18.32
N ASP B 29 7.66 -5.01 18.24
CA ASP B 29 8.55 -6.01 17.68
C ASP B 29 8.51 -6.00 16.16
N TYR B 30 7.54 -5.32 15.57
CA TYR B 30 7.37 -5.35 14.13
C TYR B 30 7.38 -3.96 13.52
N PHE B 31 6.99 -2.96 14.30
CA PHE B 31 6.83 -1.61 13.78
C PHE B 31 7.72 -0.65 14.54
N THR B 32 8.14 0.37 13.83
CA THR B 32 8.63 1.58 14.42
C THR B 32 7.47 2.52 14.64
N SER B 33 7.40 3.13 15.80
CA SER B 33 6.41 4.18 15.99
C SER B 33 7.00 5.53 15.65
N GLU B 34 6.13 6.45 15.24
CA GLU B 34 6.53 7.83 15.05
C GLU B 34 5.61 8.72 15.89
N LYS B 35 6.15 9.74 16.52
CA LYS B 35 5.34 10.65 17.32
C LYS B 35 4.76 11.75 16.44
N VAL B 36 3.46 12.02 16.60
CA VAL B 36 2.84 13.20 16.02
C VAL B 36 2.22 14.00 17.15
N PRO B 37 1.94 15.26 16.94
CA PRO B 37 1.43 16.08 18.06
C PRO B 37 0.10 15.55 18.57
N GLY B 38 -0.07 15.58 19.88
CA GLY B 38 -1.21 14.89 20.47
C GLY B 38 -2.52 15.66 20.58
N ASP B 39 -2.88 16.46 19.60
CA ASP B 39 -4.17 17.12 19.66
C ASP B 39 -5.19 16.31 18.86
N GLY B 40 -6.40 16.85 18.80
CA GLY B 40 -7.51 16.13 18.16
C GLY B 40 -7.37 15.90 16.66
N ASN B 41 -6.41 16.51 15.99
CA ASN B 41 -6.14 16.23 14.59
C ASN B 41 -5.21 15.04 14.36
N CYS B 42 -4.78 14.33 15.42
CA CYS B 42 -3.72 13.33 15.34
C CYS B 42 -4.02 12.20 14.33
N PHE B 43 -5.27 11.82 14.09
CA PHE B 43 -5.56 10.82 13.06
C PHE B 43 -5.08 11.33 11.71
N PHE B 44 -5.37 12.62 11.44
CA PHE B 44 -5.05 13.20 10.15
C PHE B 44 -3.58 13.53 10.04
N TYR B 45 -2.94 13.96 11.16
CA TYR B 45 -1.47 14.06 11.19
C TYR B 45 -0.84 12.73 10.84
N SER B 46 -1.39 11.66 11.40
CA SER B 46 -0.77 10.35 11.25
C SER B 46 -0.85 9.87 9.82
N VAL B 47 -2.03 10.01 9.23
CA VAL B 47 -2.20 9.58 7.84
C VAL B 47 -1.35 10.45 6.93
N SER B 48 -1.30 11.79 7.22
CA SER B 48 -0.44 12.64 6.40
C SER B 48 1.01 12.19 6.51
N PHE B 49 1.46 11.87 7.74
CA PHE B 49 2.84 11.43 7.90
C PHE B 49 3.15 10.23 7.00
N LEU B 50 2.25 9.25 7.00
CA LEU B 50 2.50 8.01 6.27
C LEU B 50 2.39 8.20 4.76
N LEU B 51 1.58 9.15 4.31
CA LEU B 51 1.50 9.35 2.87
C LEU B 51 2.60 10.28 2.35
N PHE B 52 2.96 11.34 3.09
CA PHE B 52 3.83 12.40 2.58
C PHE B 52 5.14 12.58 3.34
N GLU B 53 5.36 11.85 4.44
CA GLU B 53 6.51 12.08 5.34
C GLU B 53 6.50 13.52 5.84
N SER B 54 5.30 14.05 6.06
CA SER B 54 5.13 15.42 6.49
C SER B 54 3.75 15.48 7.11
N LEU B 55 3.54 16.46 8.00
CA LEU B 55 2.24 16.67 8.62
C LEU B 55 1.40 17.69 7.87
N SER B 56 2.00 18.36 6.91
CA SER B 56 1.37 19.55 6.35
C SER B 56 0.12 19.26 5.52
N GLU B 57 -0.07 18.01 5.09
CA GLU B 57 -1.16 17.63 4.20
C GLU B 57 -2.42 17.17 4.96
N TRP B 58 -2.45 17.36 6.29
CA TRP B 58 -3.49 16.77 7.11
C TRP B 58 -4.87 17.34 6.77
N ARG B 59 -4.96 18.65 6.48
CA ARG B 59 -6.26 19.22 6.12
C ARG B 59 -6.72 18.77 4.74
N SER B 60 -5.80 18.62 3.79
CA SER B 60 -6.25 18.18 2.48
C SER B 60 -6.69 16.71 2.49
N ILE B 61 -6.20 15.92 3.42
CA ILE B 61 -6.74 14.57 3.57
C ILE B 61 -8.20 14.65 3.99
N LYS B 62 -8.52 15.53 4.93
CA LYS B 62 -9.92 15.75 5.28
C LYS B 62 -10.73 16.12 4.06
N ASN B 63 -10.18 16.97 3.18
CA ASN B 63 -10.94 17.41 2.02
C ASN B 63 -11.24 16.23 1.12
N THR B 64 -10.29 15.30 1.02
CA THR B 64 -10.48 14.09 0.23
C THR B 64 -11.59 13.23 0.81
N ILE B 65 -11.59 13.09 2.14
CA ILE B 65 -12.65 12.32 2.82
C ILE B 65 -13.98 12.99 2.54
N ALA B 66 -14.01 14.31 2.61
CA ALA B 66 -15.26 15.02 2.46
C ALA B 66 -15.80 14.82 1.04
N SER B 67 -14.91 14.82 0.05
CA SER B 67 -15.38 14.65 -1.32
C SER B 67 -15.95 13.25 -1.52
N PHE B 68 -15.33 12.26 -0.86
CA PHE B 68 -15.88 10.91 -0.96
C PHE B 68 -17.25 10.84 -0.29
N ALA B 69 -17.39 11.45 0.89
CA ALA B 69 -18.66 11.43 1.60
C ALA B 69 -19.76 12.12 0.79
N ALA B 70 -19.42 13.20 0.09
CA ALA B 70 -20.37 13.93 -0.72
C ALA B 70 -20.85 13.11 -1.91
N ALA B 71 -19.92 12.38 -2.55
CA ALA B 71 -20.24 11.70 -3.79
C ALA B 71 -20.71 10.28 -3.55
N ASN B 72 -20.35 9.67 -2.43
CA ASN B 72 -20.49 8.25 -2.22
C ASN B 72 -20.99 7.95 -0.81
N TRP B 73 -21.99 8.71 -0.37
CA TRP B 73 -22.43 8.60 1.02
C TRP B 73 -22.86 7.18 1.37
N GLY B 74 -23.52 6.49 0.43
CA GLY B 74 -23.97 5.13 0.67
C GLY B 74 -22.84 4.14 0.96
N GLN B 75 -21.60 4.42 0.54
CA GLN B 75 -20.47 3.58 0.92
C GLN B 75 -19.84 3.97 2.26
N CYS B 76 -20.30 5.05 2.88
CA CYS B 76 -19.75 5.50 4.15
C CYS B 76 -20.52 4.84 5.30
N VAL B 77 -20.34 3.52 5.42
CA VAL B 77 -21.28 2.73 6.22
C VAL B 77 -21.23 3.15 7.68
N GLN B 78 -20.01 3.29 8.23
CA GLN B 78 -19.92 3.68 9.63
C GLN B 78 -20.38 5.09 9.84
N ALA B 79 -20.08 6.00 8.91
CA ALA B 79 -20.50 7.37 9.09
C ALA B 79 -22.02 7.47 9.13
N LYS B 80 -22.71 6.65 8.33
CA LYS B 80 -24.19 6.68 8.30
C LYS B 80 -24.80 6.23 9.61
N LEU B 81 -24.03 5.55 10.46
CA LEU B 81 -24.49 5.15 11.79
C LEU B 81 -24.45 6.28 12.78
N ASN B 82 -23.65 7.30 12.53
CA ASN B 82 -23.42 8.42 13.43
C ASN B 82 -23.99 9.73 12.93
N TYR B 83 -24.36 9.83 11.66
CA TYR B 83 -24.77 11.10 11.08
C TYR B 83 -25.98 10.88 10.19
N ALA B 84 -26.88 11.86 10.18
CA ALA B 84 -28.12 11.72 9.40
C ALA B 84 -27.91 11.84 7.90
N ASN B 85 -26.91 12.62 7.47
CA ASN B 85 -26.67 12.80 6.05
C ASN B 85 -25.23 13.23 5.85
N SER B 86 -24.82 13.28 4.58
CA SER B 86 -23.42 13.58 4.31
C SER B 86 -23.09 15.02 4.67
N SER B 87 -24.04 15.93 4.50
CA SER B 87 -23.78 17.33 4.83
C SER B 87 -23.45 17.52 6.30
N ASP B 88 -24.20 16.85 7.18
CA ASP B 88 -23.93 16.87 8.62
C ASP B 88 -22.55 16.28 8.92
N TYR B 89 -22.24 15.11 8.33
CA TYR B 89 -20.93 14.49 8.55
C TYR B 89 -19.82 15.45 8.13
N ARG B 90 -19.95 16.01 6.93
CA ARG B 90 -18.81 16.79 6.43
C ARG B 90 -18.60 18.04 7.26
N ALA B 91 -19.69 18.66 7.72
CA ALA B 91 -19.59 19.85 8.56
C ALA B 91 -18.87 19.54 9.86
N ASP B 92 -19.17 18.41 10.47
CA ASP B 92 -18.52 18.05 11.73
C ASP B 92 -17.06 17.68 11.51
N MET B 93 -16.81 16.78 10.55
CA MET B 93 -15.48 16.23 10.34
C MET B 93 -14.49 17.32 9.93
N LEU B 94 -14.93 18.33 9.18
CA LEU B 94 -14.03 19.36 8.69
C LEU B 94 -13.59 20.34 9.78
N ARG B 95 -14.20 20.28 10.94
CA ARG B 95 -13.81 21.19 12.00
C ARG B 95 -12.49 20.78 12.62
N ASN B 96 -11.70 21.78 13.06
CA ASN B 96 -10.46 21.45 13.77
C ASN B 96 -10.77 20.65 15.02
N TYR B 97 -9.85 19.71 15.34
CA TYR B 97 -9.87 18.88 16.54
C TYR B 97 -11.02 17.89 16.51
N TYR B 98 -11.60 17.64 15.33
CA TYR B 98 -12.51 16.51 15.19
C TYR B 98 -11.70 15.23 15.29
N TRP B 99 -12.08 14.31 16.18
CA TRP B 99 -11.23 13.13 16.39
C TRP B 99 -11.54 12.08 15.36
N GLY B 100 -10.52 11.73 14.56
CA GLY B 100 -10.69 10.70 13.53
C GLY B 100 -10.60 9.29 14.09
N GLY B 101 -11.29 8.40 13.41
CA GLY B 101 -11.30 7.02 13.81
C GLY B 101 -11.75 6.13 12.70
N SER B 102 -12.45 5.06 13.09
CA SER B 102 -12.81 4.04 12.10
C SER B 102 -13.69 4.61 10.99
N VAL B 103 -14.52 5.62 11.29
CA VAL B 103 -15.38 6.22 10.25
C VAL B 103 -14.52 6.76 9.11
N GLU B 104 -13.46 7.52 9.50
CA GLU B 104 -12.52 8.08 8.53
C GLU B 104 -11.58 7.05 7.93
N ALA B 105 -11.17 6.03 8.71
CA ALA B 105 -10.36 4.95 8.11
C ALA B 105 -11.14 4.27 6.99
N GLU B 106 -12.41 3.98 7.23
CA GLU B 106 -13.20 3.32 6.21
C GLU B 106 -13.29 4.20 4.96
N ILE B 107 -13.59 5.48 5.17
CA ILE B 107 -13.75 6.39 4.04
C ILE B 107 -12.44 6.59 3.30
N LEU B 108 -11.34 6.83 4.04
CA LEU B 108 -10.08 7.14 3.36
C LEU B 108 -9.56 5.95 2.58
N SER B 109 -9.77 4.76 3.10
CA SER B 109 -9.32 3.56 2.39
C SER B 109 -10.01 3.44 1.03
N LYS B 110 -11.32 3.72 0.98
CA LYS B 110 -12.00 3.75 -0.30
C LYS B 110 -11.60 4.98 -1.13
N ALA B 111 -11.43 6.16 -0.49
CA ALA B 111 -11.24 7.38 -1.28
C ALA B 111 -9.89 7.39 -1.98
N LEU B 112 -8.88 6.77 -1.37
CA LEU B 112 -7.53 6.79 -1.91
C LEU B 112 -7.10 5.42 -2.42
N ASN B 113 -7.96 4.41 -2.34
CA ASN B 113 -7.58 3.04 -2.77
C ASN B 113 -6.32 2.58 -2.06
N ILE B 114 -6.36 2.71 -0.74
CA ILE B 114 -5.28 2.29 0.11
C ILE B 114 -5.94 1.43 1.18
N THR B 115 -5.10 0.77 1.94
CA THR B 115 -5.58 -0.05 3.03
C THR B 115 -5.12 0.63 4.31
N ILE B 116 -6.03 0.70 5.29
CA ILE B 116 -5.71 1.33 6.55
C ILE B 116 -6.00 0.35 7.67
N ILE B 117 -5.05 0.20 8.59
CA ILE B 117 -5.24 -0.73 9.69
C ILE B 117 -5.18 0.03 11.00
N LEU B 118 -6.20 -0.16 11.85
CA LEU B 118 -6.22 0.45 13.16
C LEU B 118 -5.84 -0.64 14.14
N TRP B 119 -4.65 -0.48 14.75
CA TRP B 119 -4.14 -1.43 15.73
C TRP B 119 -4.45 -0.84 17.09
N GLU B 120 -5.45 -1.36 17.77
CA GLU B 120 -5.77 -0.92 19.12
C GLU B 120 -4.82 -1.61 20.08
N ALA B 121 -4.08 -0.79 20.86
CA ALA B 121 -3.00 -1.24 21.71
C ALA B 121 -3.31 -0.86 23.15
N ASP B 122 -2.88 -1.71 24.08
CA ASP B 122 -2.91 -1.27 25.47
C ASP B 122 -1.67 -0.40 25.77
N VAL B 123 -1.52 0.00 27.04
CA VAL B 123 -0.43 0.87 27.49
C VAL B 123 0.94 0.26 27.18
N SER B 124 1.03 -1.06 27.22
CA SER B 124 2.29 -1.74 26.95
C SER B 124 2.48 -2.07 25.47
N GLU B 125 1.65 -1.49 24.58
CA GLU B 125 1.75 -1.64 23.12
C GLU B 125 1.38 -3.04 22.64
N ASN B 126 0.69 -3.82 23.45
CA ASN B 126 0.14 -5.09 22.96
C ASN B 126 -1.13 -4.83 22.17
N VAL B 127 -1.28 -5.55 21.05
CA VAL B 127 -2.52 -5.44 20.27
C VAL B 127 -3.69 -5.94 21.10
N VAL B 128 -4.78 -5.16 21.07
CA VAL B 128 -6.04 -5.54 21.69
C VAL B 128 -7.09 -5.87 20.64
N THR B 129 -7.20 -5.04 19.62
CA THR B 129 -8.02 -5.30 18.47
C THR B 129 -7.25 -4.83 17.24
N ALA B 130 -7.41 -5.51 16.11
CA ALA B 130 -6.90 -4.97 14.86
C ALA B 130 -8.01 -4.99 13.82
N THR B 131 -8.19 -3.87 13.12
CA THR B 131 -9.27 -3.73 12.16
C THR B 131 -8.67 -3.19 10.89
N LYS B 132 -8.92 -3.88 9.78
CA LYS B 132 -8.29 -3.50 8.52
C LYS B 132 -9.38 -3.06 7.53
N TYR B 133 -9.17 -1.91 6.92
CA TYR B 133 -10.10 -1.29 5.97
C TYR B 133 -9.41 -1.34 4.61
N GLY B 134 -9.92 -2.17 3.72
CA GLY B 134 -9.33 -2.36 2.39
C GLY B 134 -8.66 -3.71 2.24
N PRO B 135 -8.42 -4.12 0.99
CA PRO B 135 -8.03 -5.51 0.70
C PRO B 135 -6.54 -5.79 0.75
N GLY B 136 -5.73 -4.80 1.08
CA GLY B 136 -4.31 -4.93 0.94
C GLY B 136 -3.65 -5.53 2.16
N LEU B 137 -2.35 -5.63 2.07
CA LEU B 137 -1.52 -6.30 3.06
C LEU B 137 -0.99 -5.33 4.09
N VAL B 138 -0.59 -5.86 5.25
CA VAL B 138 -0.05 -4.97 6.30
C VAL B 138 1.09 -4.10 5.78
N SER B 139 2.00 -4.69 5.00
CA SER B 139 3.19 -3.97 4.57
C SER B 139 2.87 -2.82 3.63
N THR B 140 1.71 -2.84 2.96
CA THR B 140 1.31 -1.72 2.10
C THR B 140 0.32 -0.79 2.76
N ALA B 141 -0.15 -1.13 3.95
CA ALA B 141 -1.21 -0.38 4.59
C ALA B 141 -0.65 0.86 5.27
N LEU B 142 -1.55 1.76 5.59
CA LEU B 142 -1.26 2.81 6.57
C LEU B 142 -1.61 2.19 7.91
N ASN B 143 -0.58 1.91 8.71
CA ASN B 143 -0.70 1.24 9.98
C ASN B 143 -0.76 2.31 11.04
N LEU B 144 -1.83 2.33 11.82
CA LEU B 144 -2.07 3.36 12.84
C LEU B 144 -2.18 2.67 14.18
N LYS B 145 -1.46 3.20 15.16
CA LYS B 145 -1.53 2.72 16.52
C LYS B 145 -2.52 3.57 17.30
N LEU B 146 -3.49 2.92 17.90
CA LEU B 146 -4.45 3.61 18.75
C LEU B 146 -4.17 3.20 20.17
N CYS B 147 -3.71 4.16 20.97
CA CYS B 147 -3.30 3.80 22.32
C CYS B 147 -3.65 4.97 23.21
N GLN B 148 -4.41 4.70 24.27
CA GLN B 148 -4.70 5.70 25.30
C GLN B 148 -5.32 6.96 24.71
N GLY B 149 -6.15 6.76 23.69
CA GLY B 149 -6.84 7.85 23.06
C GLY B 149 -6.03 8.63 22.05
N HIS B 150 -4.78 8.29 21.79
CA HIS B 150 -4.05 8.98 20.76
C HIS B 150 -3.75 8.03 19.61
N ILE B 151 -3.56 8.61 18.43
CA ILE B 151 -3.23 7.86 17.23
C ILE B 151 -1.82 8.28 16.85
N GLU B 152 -0.99 7.28 16.54
CA GLU B 152 0.36 7.53 16.06
C GLU B 152 0.59 6.68 14.81
N PRO B 153 1.33 7.17 13.84
CA PRO B 153 1.69 6.31 12.70
C PRO B 153 2.68 5.21 13.11
N LEU B 154 2.59 4.06 12.43
CA LEU B 154 3.56 2.97 12.55
C LEU B 154 4.19 2.74 11.20
N GLN B 155 5.48 2.34 11.17
CA GLN B 155 6.09 1.88 9.92
C GLN B 155 6.78 0.56 10.17
N LEU B 156 6.77 -0.29 9.15
CA LEU B 156 7.38 -1.60 9.28
C LEU B 156 8.86 -1.44 9.56
N MET B 157 9.35 -2.23 10.52
CA MET B 157 10.70 -2.06 11.00
C MET B 157 11.72 -2.51 9.96
N LYS B 158 12.87 -1.84 10.01
CA LYS B 158 14.07 -2.02 9.18
C LYS B 158 13.86 -1.33 7.84
#